data_2C7P
#
_entry.id   2C7P
#
_cell.length_a   94.845
_cell.length_b   94.845
_cell.length_c   313.030
_cell.angle_alpha   90.00
_cell.angle_beta   90.00
_cell.angle_gamma   120.00
#
_symmetry.space_group_name_H-M   'H 3 2'
#
loop_
_entity.id
_entity.type
_entity.pdbx_description
1 polymer 'MODIFICATION METHYLASE HHAI'
2 polymer "5'-D(*G*GP*AP*TP*GP*(5CM*2PR)*CP*TP*GP*AP*C)-3'"
3 polymer "5'-D(*G*TP*CP*AP*GP*CP*GP*CP*AP*TP*CP*C)-3'"
4 non-polymer S-ADENOSYL-L-HOMOCYSTEINE
5 non-polymer 'SULFATE ION'
6 non-polymer '4-(2-HYDROXYETHYL)-1-PIPERAZINE ETHANESULFONIC ACID'
7 non-polymer 'CITRIC ACID'
8 water water
#
loop_
_entity_poly.entity_id
_entity_poly.type
_entity_poly.pdbx_seq_one_letter_code
_entity_poly.pdbx_strand_id
1 'polypeptide(L)'
;MIEIKDKQLTGLRFIDLFAGLGGFRLALESCGAECVYSNEWDKYAQEVYEMNFGEKPEGDITQVNEKTIPDHDILCAGFP
CQAFSISGKQKGFEDSRGTLFFDIARIVREKKPKVVFMENVKNFASHDNGNTLEVVKNTMNELDYSFHAKVLNALDYGIP
QKRERIYMICFRNDLNIQNFQFPKPFELNTFVKDLLLPDSEVEHLVIDRKDLVMTNQEIEQTTPKTVRLGIVGKGGQGER
IYSTRGIAITLSAYGGGIFAKTGGYLVNGKTRKLHPRECARVMGYPDSYKVHPSTSQAYKQFGNSVVINVLQYIAYNIGS
SLNFKPY
;
A
2 'polydeoxyribonucleotide' (DG)(DG)(DA)(DT)(DG)(5CM)(2PR)(DC)(DT)(DG)(DA)(DC) C
3 'polydeoxyribonucleotide' (DG)(DT)(DC)(DA)(DG)(DC)(DG)(DC)(DA)(DT)(DC)(DC) D
#
# COMPACT_ATOMS: atom_id res chain seq x y z
N MET A 1 2.33 12.07 3.22
CA MET A 1 3.76 11.71 3.08
C MET A 1 4.63 12.79 3.71
N ILE A 2 5.87 12.46 4.00
CA ILE A 2 6.78 13.42 4.63
C ILE A 2 7.81 13.95 3.65
N GLU A 3 8.55 14.97 4.08
CA GLU A 3 9.59 15.55 3.25
C GLU A 3 10.89 14.85 3.63
N ILE A 4 11.68 14.49 2.63
CA ILE A 4 12.97 13.83 2.85
C ILE A 4 14.05 14.77 2.34
N LYS A 5 14.83 15.36 3.25
CA LYS A 5 15.89 16.29 2.87
C LYS A 5 17.12 15.59 2.30
N ASP A 6 17.53 14.52 2.96
CA ASP A 6 18.68 13.73 2.57
C ASP A 6 18.23 12.66 1.55
N LYS A 7 18.37 12.99 0.27
CA LYS A 7 17.96 12.12 -0.82
C LYS A 7 18.86 10.90 -1.04
N GLN A 8 18.68 9.89 -0.18
CA GLN A 8 19.47 8.66 -0.25
C GLN A 8 19.46 7.91 -1.59
N LEU A 9 18.40 8.08 -2.38
CA LEU A 9 18.31 7.36 -3.65
C LEU A 9 18.65 8.15 -4.91
N THR A 10 19.26 9.32 -4.74
CA THR A 10 19.64 10.12 -5.89
C THR A 10 20.54 9.34 -6.83
N GLY A 11 20.27 9.43 -8.13
CA GLY A 11 21.09 8.73 -9.11
C GLY A 11 20.66 7.30 -9.36
N LEU A 12 19.66 6.83 -8.63
CA LEU A 12 19.18 5.46 -8.81
C LEU A 12 17.91 5.43 -9.67
N ARG A 13 17.81 4.41 -10.51
CA ARG A 13 16.66 4.24 -11.40
C ARG A 13 15.78 3.11 -10.89
N PHE A 14 14.46 3.26 -10.99
CA PHE A 14 13.58 2.20 -10.55
C PHE A 14 12.41 1.99 -11.50
N ILE A 15 11.76 0.84 -11.39
CA ILE A 15 10.60 0.56 -12.21
C ILE A 15 9.41 0.38 -11.26
N ASP A 16 8.25 0.80 -11.72
CA ASP A 16 7.02 0.78 -10.94
C ASP A 16 6.05 -0.26 -11.50
N LEU A 17 6.17 -1.52 -11.04
CA LEU A 17 5.30 -2.60 -11.50
C LEU A 17 4.00 -2.64 -10.69
N PHE A 18 2.91 -3.08 -11.32
CA PHE A 18 1.60 -3.15 -10.65
C PHE A 18 1.45 -1.77 -10.03
N ALA A 19 1.80 -0.75 -10.83
CA ALA A 19 1.81 0.65 -10.41
C ALA A 19 0.62 1.22 -9.67
N GLY A 20 -0.59 0.91 -10.10
CA GLY A 20 -1.77 1.45 -9.44
C GLY A 20 -1.73 2.97 -9.46
N LEU A 21 -1.81 3.59 -8.28
CA LEU A 21 -1.76 5.05 -8.16
C LEU A 21 -0.34 5.59 -8.25
N GLY A 22 0.64 4.70 -8.12
CA GLY A 22 2.02 5.14 -8.19
C GLY A 22 2.57 5.42 -6.81
N GLY A 23 2.05 4.71 -5.80
CA GLY A 23 2.50 4.88 -4.44
C GLY A 23 3.99 4.69 -4.28
N PHE A 24 4.53 3.63 -4.89
CA PHE A 24 5.97 3.38 -4.82
C PHE A 24 6.72 4.52 -5.50
N ARG A 25 6.15 5.05 -6.58
CA ARG A 25 6.78 6.15 -7.31
C ARG A 25 6.91 7.41 -6.44
N LEU A 26 5.83 7.77 -5.74
CA LEU A 26 5.88 8.94 -4.86
C LEU A 26 6.96 8.74 -3.81
N ALA A 27 6.95 7.58 -3.16
CA ALA A 27 7.92 7.27 -2.12
C ALA A 27 9.37 7.29 -2.58
N LEU A 28 9.70 6.59 -3.67
CA LEU A 28 11.07 6.57 -4.13
C LEU A 28 11.53 7.90 -4.74
N GLU A 29 10.65 8.60 -5.45
CA GLU A 29 11.04 9.89 -6.02
C GLU A 29 11.31 10.90 -4.90
N SER A 30 10.62 10.74 -3.76
CA SER A 30 10.80 11.66 -2.64
C SER A 30 12.21 11.50 -2.05
N CYS A 31 12.82 10.36 -2.32
CA CYS A 31 14.18 10.07 -1.85
C CYS A 31 15.20 10.35 -2.95
N GLY A 32 14.74 10.88 -4.09
CA GLY A 32 15.64 11.21 -5.17
C GLY A 32 15.77 10.24 -6.33
N ALA A 33 15.08 9.11 -6.28
CA ALA A 33 15.17 8.12 -7.36
C ALA A 33 14.40 8.56 -8.60
N GLU A 34 14.74 7.95 -9.73
CA GLU A 34 14.11 8.26 -10.99
C GLU A 34 13.37 7.06 -11.57
N CYS A 35 12.10 7.24 -11.88
CA CYS A 35 11.31 6.15 -12.44
C CYS A 35 11.60 6.06 -13.94
N VAL A 36 11.91 4.85 -14.41
CA VAL A 36 12.24 4.64 -15.81
C VAL A 36 11.28 3.71 -16.55
N TYR A 37 10.31 3.17 -15.83
CA TYR A 37 9.33 2.27 -16.42
C TYR A 37 8.18 2.01 -15.45
N SER A 38 6.97 1.94 -15.98
CA SER A 38 5.81 1.67 -15.15
C SER A 38 4.92 0.68 -15.88
N ASN A 39 4.24 -0.18 -15.12
CA ASN A 39 3.35 -1.17 -15.69
C ASN A 39 2.10 -1.29 -14.83
N GLU A 40 0.94 -1.19 -15.48
CA GLU A 40 -0.37 -1.27 -14.82
C GLU A 40 -1.37 -1.50 -15.94
N TRP A 41 -2.19 -2.54 -15.83
CA TRP A 41 -3.14 -2.85 -16.90
C TRP A 41 -4.57 -2.36 -16.73
N ASP A 42 -4.92 -1.84 -15.56
CA ASP A 42 -6.28 -1.36 -15.38
C ASP A 42 -6.48 0.00 -16.06
N LYS A 43 -7.51 0.09 -16.88
CA LYS A 43 -7.85 1.30 -17.63
C LYS A 43 -7.88 2.57 -16.79
N TYR A 44 -8.64 2.53 -15.70
CA TYR A 44 -8.79 3.69 -14.83
C TYR A 44 -7.56 4.02 -14.01
N ALA A 45 -6.79 2.98 -13.64
CA ALA A 45 -5.56 3.19 -12.89
C ALA A 45 -4.56 3.88 -13.83
N GLN A 46 -4.55 3.46 -15.09
CA GLN A 46 -3.64 4.07 -16.06
C GLN A 46 -3.99 5.55 -16.24
N GLU A 47 -5.28 5.87 -16.20
CA GLU A 47 -5.73 7.24 -16.36
C GLU A 47 -5.29 8.12 -15.19
N VAL A 48 -5.51 7.67 -13.96
CA VAL A 48 -5.10 8.45 -12.80
C VAL A 48 -3.59 8.52 -12.71
N TYR A 49 -2.91 7.45 -13.12
CA TYR A 49 -1.45 7.44 -13.10
C TYR A 49 -0.94 8.49 -14.07
N GLU A 50 -1.57 8.54 -15.24
CA GLU A 50 -1.17 9.50 -16.26
C GLU A 50 -1.48 10.92 -15.80
N MET A 51 -2.61 11.07 -15.10
CA MET A 51 -3.02 12.37 -14.59
C MET A 51 -1.97 12.94 -13.65
N ASN A 52 -1.31 12.07 -12.90
CA ASN A 52 -0.32 12.49 -11.93
C ASN A 52 1.15 12.44 -12.35
N PHE A 53 1.49 11.58 -13.30
CA PHE A 53 2.88 11.46 -13.72
C PHE A 53 3.12 11.73 -15.20
N GLY A 54 2.04 11.91 -15.96
CA GLY A 54 2.16 12.20 -17.38
C GLY A 54 2.53 11.03 -18.27
N GLU A 55 2.45 9.83 -17.73
CA GLU A 55 2.80 8.63 -18.48
C GLU A 55 1.66 7.64 -18.35
N LYS A 56 1.47 6.86 -19.40
CA LYS A 56 0.45 5.80 -19.39
C LYS A 56 1.27 4.54 -19.17
N PRO A 57 1.07 3.83 -18.04
CA PRO A 57 1.84 2.62 -17.82
C PRO A 57 1.58 1.58 -18.91
N GLU A 58 2.55 0.71 -19.16
CA GLU A 58 2.36 -0.34 -20.16
C GLU A 58 1.40 -1.38 -19.59
N GLY A 59 0.69 -2.07 -20.47
CA GLY A 59 -0.28 -3.07 -20.06
C GLY A 59 0.24 -4.43 -19.62
N ASP A 60 -0.71 -5.35 -19.45
CA ASP A 60 -0.48 -6.72 -19.00
C ASP A 60 0.97 -7.18 -18.93
N ILE A 61 1.51 -7.19 -17.72
CA ILE A 61 2.90 -7.58 -17.48
C ILE A 61 3.23 -9.02 -17.91
N THR A 62 2.22 -9.88 -17.96
CA THR A 62 2.46 -11.27 -18.35
C THR A 62 2.74 -11.43 -19.84
N GLN A 63 2.51 -10.36 -20.61
N GLN A 63 2.51 -10.36 -20.61
CA GLN A 63 2.74 -10.37 -22.05
CA GLN A 63 2.75 -10.39 -22.05
C GLN A 63 3.91 -9.48 -22.45
C GLN A 63 3.93 -9.49 -22.44
N VAL A 64 4.62 -8.95 -21.45
CA VAL A 64 5.76 -8.08 -21.70
C VAL A 64 7.06 -8.86 -21.73
N ASN A 65 7.86 -8.68 -22.78
CA ASN A 65 9.15 -9.35 -22.88
C ASN A 65 10.06 -8.66 -21.87
N GLU A 66 10.43 -9.37 -20.81
CA GLU A 66 11.27 -8.79 -19.77
C GLU A 66 12.55 -8.16 -20.30
N LYS A 67 12.96 -8.51 -21.52
CA LYS A 67 14.18 -7.95 -22.10
C LYS A 67 13.97 -6.51 -22.57
N THR A 68 12.70 -6.14 -22.78
CA THR A 68 12.36 -4.79 -23.25
C THR A 68 12.26 -3.79 -22.10
N ILE A 69 12.32 -4.29 -20.86
CA ILE A 69 12.24 -3.43 -19.69
C ILE A 69 13.57 -2.73 -19.49
N PRO A 70 13.56 -1.40 -19.32
CA PRO A 70 14.78 -0.60 -19.13
C PRO A 70 15.62 -1.06 -17.95
N ASP A 71 16.93 -0.83 -18.03
CA ASP A 71 17.82 -1.20 -16.94
C ASP A 71 17.40 -0.35 -15.75
N HIS A 72 17.49 -0.91 -14.55
CA HIS A 72 17.12 -0.19 -13.34
C HIS A 72 17.86 -0.74 -12.13
N ASP A 73 17.87 0.05 -11.06
CA ASP A 73 18.55 -0.33 -9.83
C ASP A 73 17.61 -0.97 -8.82
N ILE A 74 16.36 -0.50 -8.81
CA ILE A 74 15.37 -1.00 -7.86
C ILE A 74 14.07 -1.37 -8.56
N LEU A 75 13.56 -2.56 -8.25
CA LEU A 75 12.31 -3.02 -8.82
C LEU A 75 11.26 -2.93 -7.72
N CYS A 76 10.17 -2.23 -7.99
CA CYS A 76 9.09 -2.06 -7.02
C CYS A 76 7.86 -2.83 -7.45
N ALA A 77 7.21 -3.49 -6.51
CA ALA A 77 6.02 -4.25 -6.85
C ALA A 77 5.13 -4.62 -5.67
N GLY A 78 3.97 -3.99 -5.63
CA GLY A 78 2.97 -4.31 -4.62
C GLY A 78 2.06 -5.16 -5.49
N PHE A 79 2.35 -6.46 -5.59
CA PHE A 79 1.56 -7.31 -6.46
C PHE A 79 0.18 -7.68 -5.91
N PRO A 80 -0.71 -8.19 -6.77
CA PRO A 80 -2.08 -8.59 -6.38
C PRO A 80 -2.16 -9.41 -5.12
N CYS A 81 -3.18 -9.15 -4.30
CA CYS A 81 -3.34 -9.84 -3.03
C CYS A 81 -4.66 -10.60 -2.86
N GLN A 82 -5.59 -10.45 -3.79
CA GLN A 82 -6.88 -11.13 -3.65
C GLN A 82 -6.72 -12.61 -3.34
N ALA A 83 -5.71 -13.24 -3.93
CA ALA A 83 -5.44 -14.67 -3.75
C ALA A 83 -4.79 -15.03 -2.41
N PHE A 84 -4.32 -14.03 -1.67
CA PHE A 84 -3.65 -14.27 -0.39
C PHE A 84 -4.34 -13.64 0.81
N SER A 85 -5.16 -12.63 0.55
CA SER A 85 -5.87 -11.93 1.62
C SER A 85 -6.77 -12.80 2.48
N ILE A 86 -6.82 -12.47 3.76
CA ILE A 86 -7.64 -13.18 4.71
C ILE A 86 -9.12 -13.02 4.32
N SER A 87 -9.41 -11.94 3.59
CA SER A 87 -10.77 -11.64 3.14
C SER A 87 -11.19 -12.38 1.87
N GLY A 88 -10.22 -13.04 1.22
CA GLY A 88 -10.51 -13.76 -0.01
C GLY A 88 -10.66 -15.26 0.15
N LYS A 89 -10.54 -15.99 -0.95
CA LYS A 89 -10.67 -17.44 -0.95
C LYS A 89 -9.36 -18.16 -0.64
N GLN A 90 -8.28 -17.39 -0.63
CA GLN A 90 -6.94 -17.91 -0.34
C GLN A 90 -6.43 -19.03 -1.23
N LYS A 91 -6.76 -18.98 -2.53
CA LYS A 91 -6.30 -19.99 -3.45
C LYS A 91 -4.81 -19.82 -3.77
N GLY A 92 -4.25 -18.70 -3.34
CA GLY A 92 -2.83 -18.44 -3.56
C GLY A 92 -2.31 -18.58 -4.97
N PHE A 93 -1.22 -19.32 -5.13
CA PHE A 93 -0.61 -19.51 -6.44
C PHE A 93 -1.51 -20.24 -7.41
N GLU A 94 -2.58 -20.83 -6.89
CA GLU A 94 -3.55 -21.57 -7.69
C GLU A 94 -4.55 -20.62 -8.36
N ASP A 95 -4.60 -19.38 -7.87
CA ASP A 95 -5.50 -18.36 -8.38
C ASP A 95 -4.82 -17.71 -9.59
N SER A 96 -5.58 -17.41 -10.64
CA SER A 96 -5.00 -16.80 -11.83
C SER A 96 -4.41 -15.43 -11.51
N ARG A 97 -4.85 -14.84 -10.40
CA ARG A 97 -4.36 -13.54 -9.97
C ARG A 97 -3.27 -13.73 -8.90
N GLY A 98 -2.90 -14.99 -8.63
CA GLY A 98 -1.89 -15.24 -7.61
C GLY A 98 -0.51 -15.64 -8.10
N THR A 99 -0.31 -15.66 -9.41
CA THR A 99 0.98 -16.07 -9.97
C THR A 99 1.83 -14.90 -10.47
N LEU A 100 1.43 -13.68 -10.16
CA LEU A 100 2.17 -12.51 -10.62
C LEU A 100 3.59 -12.42 -10.06
N PHE A 101 3.82 -13.01 -8.90
CA PHE A 101 5.16 -12.96 -8.34
C PHE A 101 6.17 -13.61 -9.29
N PHE A 102 5.74 -14.66 -9.99
CA PHE A 102 6.65 -15.37 -10.89
C PHE A 102 7.02 -14.51 -12.09
N ASP A 103 6.18 -13.52 -12.39
CA ASP A 103 6.47 -12.61 -13.47
C ASP A 103 7.55 -11.66 -12.96
N ILE A 104 7.47 -11.32 -11.67
CA ILE A 104 8.48 -10.46 -11.07
C ILE A 104 9.82 -11.19 -11.13
N ALA A 105 9.82 -12.47 -10.72
CA ALA A 105 11.03 -13.29 -10.74
C ALA A 105 11.63 -13.35 -12.14
N ARG A 106 10.76 -13.48 -13.14
CA ARG A 106 11.18 -13.53 -14.55
C ARG A 106 11.93 -12.25 -14.92
N ILE A 107 11.40 -11.12 -14.48
CA ILE A 107 12.01 -9.83 -14.77
C ILE A 107 13.32 -9.67 -14.01
N VAL A 108 13.33 -10.07 -12.74
CA VAL A 108 14.53 -9.97 -11.93
C VAL A 108 15.65 -10.82 -12.53
N ARG A 109 15.31 -12.05 -12.91
CA ARG A 109 16.28 -12.96 -13.50
C ARG A 109 17.00 -12.31 -14.68
N GLU A 110 16.25 -11.55 -15.48
CA GLU A 110 16.79 -10.88 -16.66
C GLU A 110 17.47 -9.53 -16.42
N LYS A 111 16.83 -8.67 -15.63
CA LYS A 111 17.37 -7.34 -15.38
C LYS A 111 18.30 -7.20 -14.17
N LYS A 112 18.29 -8.20 -13.30
CA LYS A 112 19.13 -8.21 -12.11
C LYS A 112 19.37 -6.85 -11.45
N PRO A 113 18.30 -6.23 -10.91
CA PRO A 113 18.47 -4.93 -10.26
C PRO A 113 19.18 -5.09 -8.92
N LYS A 114 19.66 -3.99 -8.38
CA LYS A 114 20.33 -4.02 -7.09
C LYS A 114 19.37 -4.43 -5.99
N VAL A 115 18.16 -3.88 -6.05
CA VAL A 115 17.14 -4.13 -5.02
C VAL A 115 15.77 -4.49 -5.59
N VAL A 116 15.07 -5.38 -4.89
CA VAL A 116 13.72 -5.78 -5.26
C VAL A 116 12.91 -5.43 -4.01
N PHE A 117 11.93 -4.54 -4.18
CA PHE A 117 11.11 -4.02 -3.08
C PHE A 117 9.65 -4.39 -3.33
N MET A 118 9.15 -5.38 -2.59
CA MET A 118 7.77 -5.85 -2.77
C MET A 118 6.89 -5.64 -1.55
N GLU A 119 5.57 -5.66 -1.78
CA GLU A 119 4.58 -5.48 -0.73
C GLU A 119 3.35 -6.35 -0.99
N ASN A 120 2.77 -6.87 0.07
CA ASN A 120 1.55 -7.65 -0.05
C ASN A 120 0.88 -7.62 1.31
N VAL A 121 -0.28 -8.25 1.45
CA VAL A 121 -0.99 -8.23 2.72
C VAL A 121 -0.35 -9.10 3.80
N LYS A 122 -0.67 -8.82 5.05
CA LYS A 122 -0.13 -9.55 6.18
C LYS A 122 -0.31 -11.07 6.06
N ASN A 123 -1.50 -11.49 5.64
CA ASN A 123 -1.76 -12.92 5.51
C ASN A 123 -0.82 -13.59 4.52
N PHE A 124 -0.19 -12.80 3.66
CA PHE A 124 0.75 -13.37 2.70
C PHE A 124 1.87 -14.09 3.48
N ALA A 125 2.21 -13.58 4.64
CA ALA A 125 3.26 -14.15 5.47
C ALA A 125 2.89 -15.47 6.16
N SER A 126 1.60 -15.75 6.31
N SER A 126 1.60 -15.73 6.32
CA SER A 126 1.18 -16.99 6.96
CA SER A 126 1.11 -16.94 6.98
C SER A 126 0.44 -17.93 6.02
C SER A 126 0.44 -17.92 6.03
N HIS A 127 0.04 -17.43 4.87
CA HIS A 127 -0.67 -18.25 3.88
C HIS A 127 -0.02 -19.61 3.59
N ASP A 128 -0.85 -20.64 3.51
CA ASP A 128 -0.40 -22.00 3.23
C ASP A 128 0.72 -22.42 4.18
N ASN A 129 0.46 -22.24 5.47
CA ASN A 129 1.39 -22.61 6.52
C ASN A 129 2.79 -22.01 6.32
N GLY A 130 2.85 -20.80 5.77
CA GLY A 130 4.13 -20.15 5.56
C GLY A 130 4.87 -20.57 4.31
N ASN A 131 4.30 -21.51 3.55
CA ASN A 131 4.93 -21.99 2.33
C ASN A 131 4.97 -20.93 1.23
N THR A 132 3.95 -20.08 1.19
CA THR A 132 3.91 -19.03 0.19
C THR A 132 5.09 -18.06 0.36
N LEU A 133 5.32 -17.62 1.59
CA LEU A 133 6.42 -16.71 1.86
C LEU A 133 7.75 -17.42 1.59
N GLU A 134 7.82 -18.68 1.98
CA GLU A 134 9.04 -19.48 1.78
C GLU A 134 9.38 -19.59 0.29
N VAL A 135 8.36 -19.76 -0.55
CA VAL A 135 8.55 -19.85 -2.00
C VAL A 135 9.18 -18.58 -2.54
N VAL A 136 8.71 -17.43 -2.06
CA VAL A 136 9.26 -16.15 -2.50
C VAL A 136 10.70 -16.04 -2.01
N LYS A 137 10.92 -16.35 -0.74
CA LYS A 137 12.26 -16.28 -0.18
C LYS A 137 13.24 -17.13 -0.99
N ASN A 138 12.89 -18.40 -1.19
CA ASN A 138 13.75 -19.31 -1.94
C ASN A 138 13.95 -18.87 -3.37
N THR A 139 12.89 -18.36 -3.99
CA THR A 139 13.01 -17.89 -5.36
C THR A 139 14.02 -16.75 -5.43
N MET A 140 13.91 -15.80 -4.51
CA MET A 140 14.84 -14.66 -4.48
C MET A 140 16.27 -15.12 -4.20
N ASN A 141 16.42 -16.07 -3.27
CA ASN A 141 17.75 -16.58 -2.96
C ASN A 141 18.35 -17.28 -4.19
N GLU A 142 17.53 -18.04 -4.90
CA GLU A 142 17.97 -18.75 -6.10
C GLU A 142 18.44 -17.76 -7.17
N LEU A 143 17.88 -16.56 -7.16
CA LEU A 143 18.25 -15.52 -8.11
C LEU A 143 19.45 -14.74 -7.59
N ASP A 144 19.99 -15.19 -6.46
CA ASP A 144 21.16 -14.59 -5.83
C ASP A 144 20.88 -13.28 -5.10
N TYR A 145 19.77 -13.24 -4.36
CA TYR A 145 19.38 -12.06 -3.59
C TYR A 145 19.20 -12.43 -2.13
N SER A 146 19.42 -11.47 -1.24
CA SER A 146 19.19 -11.71 0.18
C SER A 146 17.68 -11.49 0.30
N PHE A 147 17.10 -11.86 1.44
CA PHE A 147 15.66 -11.68 1.60
C PHE A 147 15.31 -11.16 2.99
N HIS A 148 14.79 -9.93 3.03
CA HIS A 148 14.40 -9.29 4.29
C HIS A 148 12.90 -9.08 4.26
N ALA A 149 12.19 -9.71 5.20
CA ALA A 149 10.74 -9.58 5.23
C ALA A 149 10.20 -9.30 6.62
N LYS A 150 9.25 -8.39 6.72
CA LYS A 150 8.65 -8.05 8.00
C LYS A 150 7.30 -7.39 7.78
N VAL A 151 6.37 -7.65 8.71
CA VAL A 151 5.05 -7.07 8.64
C VAL A 151 5.11 -5.77 9.42
N LEU A 152 4.71 -4.68 8.76
CA LEU A 152 4.68 -3.37 9.40
C LEU A 152 3.24 -2.85 9.37
N ASN A 153 2.86 -2.19 10.46
CA ASN A 153 1.52 -1.63 10.62
C ASN A 153 1.66 -0.12 10.44
N ALA A 154 0.89 0.45 9.52
CA ALA A 154 0.95 1.89 9.24
C ALA A 154 0.80 2.79 10.48
N LEU A 155 0.06 2.32 11.48
CA LEU A 155 -0.16 3.12 12.68
C LEU A 155 1.13 3.38 13.45
N ASP A 156 2.14 2.57 13.21
CA ASP A 156 3.43 2.72 13.88
C ASP A 156 4.34 3.71 13.16
N TYR A 157 3.88 4.23 12.02
CA TYR A 157 4.68 5.16 11.25
C TYR A 157 4.02 6.49 10.91
N GLY A 158 3.26 7.01 11.87
CA GLY A 158 2.62 8.30 11.71
C GLY A 158 1.35 8.42 10.89
N ILE A 159 0.78 7.30 10.43
CA ILE A 159 -0.44 7.35 9.65
C ILE A 159 -1.53 6.64 10.42
N PRO A 160 -2.68 7.30 10.64
CA PRO A 160 -3.78 6.69 11.39
C PRO A 160 -4.64 5.66 10.64
N GLN A 161 -4.05 4.49 10.40
CA GLN A 161 -4.74 3.39 9.73
C GLN A 161 -4.10 2.07 10.18
N LYS A 162 -4.93 1.10 10.51
CA LYS A 162 -4.46 -0.21 10.92
C LYS A 162 -4.18 -1.08 9.68
N ARG A 163 -3.22 -0.67 8.86
CA ARG A 163 -2.93 -1.42 7.66
C ARG A 163 -1.65 -2.23 7.85
N GLU A 164 -1.80 -3.52 8.08
CA GLU A 164 -0.65 -4.40 8.28
C GLU A 164 -0.25 -5.05 6.96
N ARG A 165 0.99 -4.82 6.56
CA ARG A 165 1.47 -5.34 5.29
C ARG A 165 2.84 -5.98 5.43
N ILE A 166 3.13 -6.96 4.58
CA ILE A 166 4.43 -7.57 4.62
C ILE A 166 5.27 -6.85 3.56
N TYR A 167 6.45 -6.42 3.97
CA TYR A 167 7.35 -5.72 3.07
C TYR A 167 8.56 -6.62 2.88
N MET A 168 8.91 -6.86 1.63
CA MET A 168 10.04 -7.72 1.32
C MET A 168 11.09 -6.93 0.55
N ILE A 169 12.27 -6.81 1.14
CA ILE A 169 13.40 -6.08 0.56
C ILE A 169 14.48 -7.08 0.22
N CYS A 170 14.91 -7.11 -1.04
CA CYS A 170 15.93 -8.06 -1.46
C CYS A 170 17.11 -7.34 -2.10
N PHE A 171 18.32 -7.65 -1.61
CA PHE A 171 19.54 -7.04 -2.12
C PHE A 171 20.35 -8.09 -2.90
N ARG A 172 20.85 -7.69 -4.07
CA ARG A 172 21.64 -8.62 -4.88
C ARG A 172 22.88 -8.94 -4.03
N ASN A 173 23.16 -10.24 -3.88
CA ASN A 173 24.27 -10.70 -3.04
C ASN A 173 25.64 -10.06 -3.25
N ASP A 174 26.01 -9.80 -4.49
CA ASP A 174 27.32 -9.21 -4.75
C ASP A 174 27.48 -7.85 -4.08
N LEU A 175 26.37 -7.25 -3.66
CA LEU A 175 26.39 -5.95 -2.99
C LEU A 175 26.81 -6.07 -1.53
N ASN A 176 26.75 -7.28 -0.99
CA ASN A 176 27.14 -7.55 0.39
C ASN A 176 26.48 -6.58 1.39
N ILE A 177 25.17 -6.40 1.27
CA ILE A 177 24.44 -5.50 2.16
C ILE A 177 24.15 -6.25 3.46
N GLN A 178 24.79 -5.84 4.55
CA GLN A 178 24.60 -6.51 5.83
C GLN A 178 23.97 -5.61 6.89
N ASN A 179 23.61 -4.37 6.52
CA ASN A 179 23.04 -3.47 7.51
C ASN A 179 21.64 -2.93 7.22
N PHE A 180 20.86 -3.64 6.41
CA PHE A 180 19.52 -3.15 6.15
C PHE A 180 18.68 -3.37 7.39
N GLN A 181 17.87 -2.38 7.73
CA GLN A 181 17.00 -2.51 8.89
C GLN A 181 15.65 -1.89 8.58
N PHE A 182 14.58 -2.53 9.07
CA PHE A 182 13.25 -2.00 8.86
C PHE A 182 13.11 -0.80 9.79
N PRO A 183 12.34 0.22 9.37
CA PRO A 183 12.15 1.41 10.20
C PRO A 183 11.62 1.06 11.58
N LYS A 184 12.08 1.79 12.59
CA LYS A 184 11.63 1.55 13.96
C LYS A 184 10.30 2.28 14.17
N PRO A 185 9.37 1.67 14.91
CA PRO A 185 8.08 2.31 15.15
C PRO A 185 8.23 3.54 16.04
N PHE A 186 7.31 4.49 15.88
CA PHE A 186 7.32 5.68 16.70
C PHE A 186 5.89 6.05 17.06
N GLU A 187 5.75 6.89 18.09
CA GLU A 187 4.45 7.31 18.58
C GLU A 187 3.56 7.98 17.54
N LEU A 188 2.30 7.54 17.47
CA LEU A 188 1.34 8.12 16.54
C LEU A 188 0.70 9.36 17.15
N ASN A 189 0.75 10.47 16.44
CA ASN A 189 0.18 11.72 16.95
C ASN A 189 -0.87 12.31 16.03
N THR A 190 -1.30 11.52 15.04
CA THR A 190 -2.30 11.93 14.08
C THR A 190 -3.40 10.87 14.08
N PHE A 191 -4.65 11.30 14.10
CA PHE A 191 -5.77 10.36 14.12
C PHE A 191 -6.76 10.71 13.00
N VAL A 192 -7.74 9.84 12.77
CA VAL A 192 -8.70 10.07 11.69
C VAL A 192 -9.29 11.47 11.70
N LYS A 193 -9.72 11.94 12.88
CA LYS A 193 -10.31 13.27 13.01
C LYS A 193 -9.40 14.37 12.46
N ASP A 194 -8.09 14.13 12.46
CA ASP A 194 -7.14 15.13 11.97
C ASP A 194 -7.01 15.21 10.45
N LEU A 195 -7.56 14.22 9.76
CA LEU A 195 -7.48 14.17 8.30
C LEU A 195 -8.80 14.42 7.59
N LEU A 196 -9.87 14.53 8.35
CA LEU A 196 -11.19 14.75 7.77
C LEU A 196 -11.37 16.09 7.09
N LEU A 197 -12.22 16.10 6.06
CA LEU A 197 -12.56 17.29 5.31
C LEU A 197 -13.66 18.00 6.09
N PRO A 198 -13.96 19.26 5.73
CA PRO A 198 -15.02 20.00 6.42
C PRO A 198 -16.36 19.34 6.11
N ASP A 199 -17.29 19.38 7.06
CA ASP A 199 -18.60 18.78 6.88
C ASP A 199 -19.30 19.16 5.58
N SER A 200 -19.15 20.41 5.16
CA SER A 200 -19.80 20.88 3.94
C SER A 200 -19.38 20.13 2.67
N GLU A 201 -18.17 19.57 2.68
CA GLU A 201 -17.66 18.85 1.52
C GLU A 201 -17.99 17.35 1.50
N VAL A 202 -18.61 16.85 2.57
CA VAL A 202 -18.91 15.43 2.68
C VAL A 202 -20.34 15.09 3.05
N GLU A 203 -21.23 16.07 2.98
CA GLU A 203 -22.64 15.87 3.32
C GLU A 203 -23.29 14.72 2.56
N HIS A 204 -22.91 14.56 1.30
CA HIS A 204 -23.47 13.51 0.45
C HIS A 204 -23.09 12.10 0.88
N LEU A 205 -22.15 11.99 1.81
CA LEU A 205 -21.69 10.69 2.28
C LEU A 205 -22.38 10.30 3.58
N VAL A 206 -23.12 11.24 4.16
CA VAL A 206 -23.83 11.00 5.40
C VAL A 206 -25.05 10.13 5.17
N ILE A 207 -25.16 9.04 5.92
CA ILE A 207 -26.30 8.16 5.79
C ILE A 207 -26.94 7.96 7.16
N ASP A 208 -28.27 7.96 7.17
CA ASP A 208 -29.02 7.77 8.40
C ASP A 208 -29.78 6.46 8.28
N ARG A 209 -29.18 5.37 8.71
CA ARG A 209 -29.86 4.09 8.63
C ARG A 209 -30.61 3.78 9.92
N LYS A 210 -31.87 3.38 9.76
CA LYS A 210 -32.71 3.06 10.91
C LYS A 210 -32.30 1.78 11.63
N ASP A 211 -31.42 0.99 11.03
CA ASP A 211 -30.96 -0.24 11.67
C ASP A 211 -29.60 -0.05 12.33
N LEU A 212 -29.25 1.20 12.60
CA LEU A 212 -27.99 1.53 13.27
C LEU A 212 -28.06 1.12 14.73
N VAL A 213 -27.05 0.39 15.18
CA VAL A 213 -26.98 -0.04 16.57
C VAL A 213 -25.63 0.41 17.13
N MET A 214 -25.64 1.48 17.91
CA MET A 214 -24.41 1.96 18.52
C MET A 214 -24.12 1.05 19.69
N THR A 215 -23.00 0.34 19.62
CA THR A 215 -22.62 -0.62 20.65
C THR A 215 -21.65 -0.09 21.72
N ASN A 216 -20.86 0.92 21.38
CA ASN A 216 -19.90 1.49 22.33
C ASN A 216 -20.00 3.00 22.33
N GLN A 217 -19.72 3.61 23.47
CA GLN A 217 -19.78 5.06 23.58
C GLN A 217 -18.54 5.72 22.97
N GLU A 218 -18.73 6.90 22.38
CA GLU A 218 -17.64 7.64 21.77
C GLU A 218 -16.54 7.88 22.81
N ILE A 219 -15.29 7.88 22.36
CA ILE A 219 -14.17 8.12 23.25
C ILE A 219 -13.75 9.58 23.11
N GLU A 220 -13.25 10.17 24.18
CA GLU A 220 -12.81 11.55 24.12
C GLU A 220 -11.30 11.67 23.94
N GLN A 221 -10.58 10.61 24.29
CA GLN A 221 -9.12 10.60 24.16
C GLN A 221 -8.70 9.81 22.94
N THR A 222 -7.82 10.39 22.13
CA THR A 222 -7.34 9.72 20.93
C THR A 222 -6.55 8.48 21.32
N THR A 223 -6.63 7.43 20.50
CA THR A 223 -5.94 6.19 20.78
C THR A 223 -5.45 5.60 19.46
N PRO A 224 -4.26 4.97 19.46
CA PRO A 224 -3.72 4.38 18.24
C PRO A 224 -4.25 3.00 17.89
N LYS A 225 -5.57 2.86 17.86
CA LYS A 225 -6.19 1.59 17.51
C LYS A 225 -7.57 1.86 16.94
N THR A 226 -8.15 0.88 16.24
CA THR A 226 -9.49 1.05 15.69
C THR A 226 -10.47 0.89 16.85
N VAL A 227 -11.42 1.80 16.93
CA VAL A 227 -12.42 1.79 18.00
C VAL A 227 -13.82 1.66 17.39
N ARG A 228 -14.38 0.47 17.41
CA ARG A 228 -15.72 0.28 16.86
C ARG A 228 -16.76 0.89 17.78
N LEU A 229 -17.68 1.66 17.21
CA LEU A 229 -18.71 2.29 18.02
C LEU A 229 -20.07 1.64 17.78
N GLY A 230 -20.25 1.06 16.60
CA GLY A 230 -21.52 0.43 16.30
C GLY A 230 -21.56 -0.28 14.96
N ILE A 231 -22.75 -0.72 14.57
CA ILE A 231 -22.94 -1.42 13.30
C ILE A 231 -24.31 -1.10 12.71
N VAL A 232 -24.48 -1.49 11.45
CA VAL A 232 -25.75 -1.36 10.74
C VAL A 232 -25.93 -2.75 10.16
N GLY A 233 -27.17 -3.11 9.83
CA GLY A 233 -27.40 -4.44 9.27
C GLY A 233 -26.84 -5.52 10.17
N LYS A 234 -26.13 -6.47 9.59
CA LYS A 234 -25.55 -7.58 10.36
C LYS A 234 -24.12 -7.33 10.83
N GLY A 235 -23.61 -6.11 10.64
CA GLY A 235 -22.26 -5.81 11.08
C GLY A 235 -21.14 -6.43 10.27
N GLY A 236 -21.38 -6.71 9.00
CA GLY A 236 -20.36 -7.28 8.14
C GLY A 236 -19.42 -6.20 7.64
N GLN A 237 -18.58 -6.51 6.66
CA GLN A 237 -17.66 -5.51 6.15
C GLN A 237 -18.45 -4.37 5.54
N GLY A 238 -18.05 -3.14 5.84
CA GLY A 238 -18.75 -1.99 5.32
C GLY A 238 -20.01 -1.69 6.12
N GLU A 239 -20.20 -2.39 7.24
CA GLU A 239 -21.37 -2.18 8.08
C GLU A 239 -20.93 -1.93 9.52
N ARG A 240 -19.69 -1.47 9.68
CA ARG A 240 -19.13 -1.18 10.99
C ARG A 240 -18.76 0.30 11.09
N ILE A 241 -19.13 0.91 12.21
CA ILE A 241 -18.87 2.33 12.44
C ILE A 241 -17.79 2.52 13.51
N TYR A 242 -16.82 3.36 13.19
CA TYR A 242 -15.70 3.60 14.08
C TYR A 242 -15.53 5.05 14.53
N SER A 243 -14.72 5.21 15.57
CA SER A 243 -14.44 6.53 16.12
C SER A 243 -13.29 7.22 15.39
N THR A 244 -13.48 8.50 15.10
CA THR A 244 -12.48 9.31 14.43
C THR A 244 -11.35 9.69 15.39
N ARG A 245 -11.52 9.35 16.68
CA ARG A 245 -10.48 9.64 17.68
C ARG A 245 -9.52 8.45 17.70
N GLY A 246 -9.85 7.42 16.93
CA GLY A 246 -9.00 6.25 16.83
C GLY A 246 -8.35 6.31 15.46
N ILE A 247 -8.04 5.15 14.88
CA ILE A 247 -7.43 5.11 13.55
C ILE A 247 -8.39 4.45 12.57
N ALA A 248 -8.15 4.65 11.28
CA ALA A 248 -9.01 4.08 10.25
C ALA A 248 -8.78 2.58 10.08
N ILE A 249 -9.80 1.86 9.62
CA ILE A 249 -9.64 0.44 9.35
C ILE A 249 -8.93 0.37 8.01
N THR A 250 -8.49 -0.81 7.62
CA THR A 250 -7.79 -1.00 6.35
C THR A 250 -8.73 -0.68 5.18
N LEU A 251 -8.29 0.18 4.27
CA LEU A 251 -9.10 0.50 3.10
C LEU A 251 -9.01 -0.71 2.17
N SER A 252 -10.12 -1.04 1.49
CA SER A 252 -10.12 -2.19 0.58
C SER A 252 -10.54 -1.80 -0.84
N ALA A 253 -10.13 -2.63 -1.81
CA ALA A 253 -10.39 -2.37 -3.22
C ALA A 253 -11.71 -2.85 -3.79
N TYR A 254 -12.19 -4.00 -3.34
CA TYR A 254 -13.45 -4.55 -3.84
C TYR A 254 -14.50 -4.63 -2.73
N GLY A 255 -14.22 -3.95 -1.62
CA GLY A 255 -15.12 -3.97 -0.48
C GLY A 255 -16.57 -3.59 -0.72
N GLY A 256 -17.45 -4.24 0.04
CA GLY A 256 -18.88 -3.98 -0.06
C GLY A 256 -19.44 -3.38 1.23
N GLY A 257 -20.76 -3.44 1.37
CA GLY A 257 -21.40 -2.87 2.54
C GLY A 257 -21.78 -1.43 2.24
N ILE A 258 -22.65 -0.85 3.06
CA ILE A 258 -23.07 0.53 2.86
C ILE A 258 -21.92 1.55 3.00
N PHE A 259 -20.94 1.24 3.86
CA PHE A 259 -19.78 2.09 4.05
C PHE A 259 -18.60 1.40 3.32
N ALA A 260 -18.88 0.96 2.10
CA ALA A 260 -17.91 0.23 1.29
C ALA A 260 -16.50 0.81 1.15
N LYS A 261 -15.52 -0.09 1.27
CA LYS A 261 -14.12 0.23 1.09
C LYS A 261 -13.40 1.18 2.04
N THR A 262 -14.14 1.84 2.93
CA THR A 262 -13.52 2.79 3.85
C THR A 262 -13.96 2.59 5.29
N GLY A 263 -15.13 1.99 5.47
CA GLY A 263 -15.68 1.79 6.80
C GLY A 263 -16.50 3.03 7.13
N GLY A 264 -17.34 2.94 8.15
CA GLY A 264 -18.16 4.08 8.53
C GLY A 264 -17.56 4.76 9.74
N TYR A 265 -17.78 6.06 9.88
CA TYR A 265 -17.23 6.82 11.01
C TYR A 265 -18.25 7.77 11.61
N LEU A 266 -18.15 7.96 12.92
CA LEU A 266 -19.03 8.88 13.62
C LEU A 266 -18.37 10.25 13.51
N VAL A 267 -19.00 11.16 12.77
CA VAL A 267 -18.45 12.50 12.60
C VAL A 267 -19.51 13.52 12.98
N ASN A 268 -19.24 14.30 14.02
CA ASN A 268 -20.15 15.34 14.46
C ASN A 268 -21.60 14.85 14.61
N GLY A 269 -21.78 13.69 15.23
CA GLY A 269 -23.11 13.15 15.44
C GLY A 269 -23.76 12.41 14.28
N LYS A 270 -23.07 12.33 13.15
CA LYS A 270 -23.60 11.64 11.97
C LYS A 270 -22.70 10.48 11.56
N THR A 271 -23.26 9.52 10.83
CA THR A 271 -22.46 8.38 10.37
C THR A 271 -22.23 8.50 8.86
N ARG A 272 -20.99 8.36 8.44
CA ARG A 272 -20.66 8.45 7.01
C ARG A 272 -19.38 7.71 6.68
N LYS A 273 -19.21 7.37 5.41
CA LYS A 273 -17.98 6.71 4.98
C LYS A 273 -17.01 7.83 4.61
N LEU A 274 -15.78 7.48 4.26
CA LEU A 274 -14.79 8.50 3.91
C LEU A 274 -14.91 8.98 2.47
N HIS A 275 -14.43 10.20 2.24
CA HIS A 275 -14.41 10.85 0.93
C HIS A 275 -13.11 10.37 0.29
N PRO A 276 -13.05 10.31 -1.05
CA PRO A 276 -11.81 9.86 -1.69
C PRO A 276 -10.56 10.62 -1.24
N ARG A 277 -10.70 11.92 -0.98
CA ARG A 277 -9.56 12.72 -0.54
C ARG A 277 -9.13 12.31 0.87
N GLU A 278 -10.09 11.89 1.70
CA GLU A 278 -9.75 11.46 3.05
C GLU A 278 -9.07 10.09 2.94
N CYS A 279 -9.48 9.30 1.95
CA CYS A 279 -8.86 8.00 1.72
C CYS A 279 -7.40 8.25 1.34
N ALA A 280 -7.20 9.24 0.48
CA ALA A 280 -5.85 9.60 0.04
C ALA A 280 -5.00 9.95 1.26
N ARG A 281 -5.54 10.77 2.14
CA ARG A 281 -4.82 11.18 3.34
C ARG A 281 -4.54 10.01 4.28
N VAL A 282 -5.51 9.11 4.40
CA VAL A 282 -5.36 7.94 5.26
C VAL A 282 -4.30 7.01 4.68
N MET A 283 -4.00 7.17 3.40
CA MET A 283 -2.98 6.38 2.71
C MET A 283 -1.65 7.16 2.59
N GLY A 284 -1.60 8.35 3.19
CA GLY A 284 -0.39 9.14 3.14
C GLY A 284 -0.13 9.94 1.87
N TYR A 285 -1.12 9.98 0.98
CA TYR A 285 -0.97 10.73 -0.26
C TYR A 285 -1.11 12.24 -0.01
N PRO A 286 -0.28 13.06 -0.67
CA PRO A 286 -0.34 14.51 -0.50
C PRO A 286 -1.61 15.06 -1.12
N ASP A 287 -2.10 16.19 -0.65
CA ASP A 287 -3.32 16.76 -1.22
C ASP A 287 -3.13 17.17 -2.67
N SER A 288 -1.87 17.27 -3.10
CA SER A 288 -1.58 17.64 -4.49
C SER A 288 -1.82 16.48 -5.45
N TYR A 289 -1.96 15.27 -4.93
CA TYR A 289 -2.21 14.11 -5.77
C TYR A 289 -3.65 14.17 -6.30
N LYS A 290 -3.80 14.09 -7.62
CA LYS A 290 -5.12 14.14 -8.26
C LYS A 290 -5.83 12.80 -8.24
N VAL A 291 -7.02 12.75 -7.64
CA VAL A 291 -7.79 11.52 -7.58
C VAL A 291 -8.57 11.31 -8.87
N HIS A 292 -8.86 10.05 -9.18
CA HIS A 292 -9.60 9.73 -10.39
C HIS A 292 -11.01 10.33 -10.35
N PRO A 293 -11.51 10.83 -11.49
CA PRO A 293 -12.85 11.43 -11.56
C PRO A 293 -14.01 10.52 -11.14
N SER A 294 -13.84 9.20 -11.27
CA SER A 294 -14.88 8.28 -10.84
C SER A 294 -14.61 7.97 -9.38
N THR A 295 -15.54 8.34 -8.49
CA THR A 295 -15.35 8.09 -7.06
C THR A 295 -15.21 6.60 -6.79
N SER A 296 -15.99 5.79 -7.51
CA SER A 296 -15.95 4.34 -7.34
C SER A 296 -14.56 3.81 -7.67
N GLN A 297 -13.97 4.29 -8.78
CA GLN A 297 -12.63 3.85 -9.15
C GLN A 297 -11.58 4.39 -8.18
N ALA A 298 -11.79 5.60 -7.67
CA ALA A 298 -10.85 6.19 -6.72
C ALA A 298 -10.83 5.36 -5.44
N TYR A 299 -12.00 4.95 -4.94
CA TYR A 299 -12.05 4.13 -3.73
C TYR A 299 -11.32 2.81 -3.98
N LYS A 300 -11.52 2.24 -5.16
CA LYS A 300 -10.88 0.98 -5.52
C LYS A 300 -9.35 1.15 -5.53
N GLN A 301 -8.89 2.22 -6.16
CA GLN A 301 -7.48 2.50 -6.28
C GLN A 301 -6.79 2.72 -4.93
N PHE A 302 -7.36 3.55 -4.08
CA PHE A 302 -6.74 3.78 -2.77
C PHE A 302 -6.82 2.51 -1.93
N GLY A 303 -7.88 1.72 -2.14
CA GLY A 303 -8.02 0.48 -1.39
C GLY A 303 -6.95 -0.54 -1.75
N ASN A 304 -6.45 -0.47 -2.97
CA ASN A 304 -5.41 -1.38 -3.47
C ASN A 304 -4.00 -0.88 -3.14
N SER A 305 -3.92 0.42 -2.81
CA SER A 305 -2.64 1.07 -2.60
C SER A 305 -1.79 0.79 -1.37
N VAL A 306 -0.73 1.59 -1.26
CA VAL A 306 0.24 1.51 -0.18
C VAL A 306 0.27 2.83 0.59
N VAL A 307 0.67 2.78 1.84
CA VAL A 307 0.79 3.97 2.68
C VAL A 307 2.16 4.57 2.33
N ILE A 308 2.15 5.74 1.69
CA ILE A 308 3.38 6.39 1.26
C ILE A 308 4.44 6.54 2.34
N ASN A 309 4.05 7.03 3.52
CA ASN A 309 4.98 7.24 4.60
C ASN A 309 5.79 5.98 4.95
N VAL A 310 5.11 4.84 5.03
CA VAL A 310 5.80 3.60 5.35
C VAL A 310 6.84 3.28 4.30
N LEU A 311 6.47 3.41 3.03
CA LEU A 311 7.41 3.13 1.94
C LEU A 311 8.58 4.11 1.96
N GLN A 312 8.30 5.36 2.35
CA GLN A 312 9.35 6.37 2.43
C GLN A 312 10.42 5.98 3.44
N TYR A 313 10.02 5.56 4.63
CA TYR A 313 10.99 5.18 5.66
C TYR A 313 11.81 3.97 5.20
N ILE A 314 11.14 3.00 4.57
CA ILE A 314 11.81 1.82 4.07
C ILE A 314 12.79 2.19 2.94
N ALA A 315 12.34 3.04 2.03
CA ALA A 315 13.16 3.48 0.91
C ALA A 315 14.40 4.23 1.38
N TYR A 316 14.23 5.07 2.39
CA TYR A 316 15.34 5.83 2.93
C TYR A 316 16.36 4.84 3.51
N ASN A 317 15.87 3.81 4.18
CA ASN A 317 16.74 2.79 4.78
C ASN A 317 17.42 1.93 3.73
N ILE A 318 16.76 1.72 2.59
CA ILE A 318 17.36 0.94 1.51
C ILE A 318 18.53 1.76 0.98
N GLY A 319 18.28 3.04 0.75
CA GLY A 319 19.32 3.93 0.27
C GLY A 319 20.46 4.05 1.26
N SER A 320 20.14 4.15 2.55
CA SER A 320 21.14 4.26 3.60
C SER A 320 22.09 3.07 3.55
N SER A 321 21.54 1.88 3.31
CA SER A 321 22.35 0.67 3.23
C SER A 321 23.18 0.63 1.96
N LEU A 322 22.58 0.99 0.82
CA LEU A 322 23.28 0.99 -0.45
C LEU A 322 24.46 1.96 -0.44
N ASN A 323 24.31 3.08 0.28
CA ASN A 323 25.35 4.10 0.33
C ASN A 323 26.45 3.92 1.36
N PHE A 324 26.30 2.96 2.26
CA PHE A 324 27.33 2.70 3.25
C PHE A 324 28.39 1.81 2.59
N LYS A 325 29.43 2.45 2.06
CA LYS A 325 30.50 1.74 1.37
C LYS A 325 31.87 2.13 1.91
N PRO A 326 32.14 1.84 3.19
CA PRO A 326 33.44 2.20 3.77
C PRO A 326 34.61 1.40 3.19
N TYR A 327 35.80 1.99 3.29
CA TYR A 327 37.03 1.34 2.82
C TYR A 327 37.38 0.21 3.79
#